data_5FY5
#
_entry.id   5FY5
#
_cell.length_a   141.680
_cell.length_b   141.680
_cell.length_c   153.000
_cell.angle_alpha   90.00
_cell.angle_beta   90.00
_cell.angle_gamma   120.00
#
_symmetry.space_group_name_H-M   'P 65 2 2'
#
loop_
_entity.id
_entity.type
_entity.pdbx_description
1 polymer 'LYSINE-SPECIFIC DEMETHYLASE 5B'
2 non-polymer 'ZINC ION'
3 non-polymer 'MANGANESE (II) ION'
4 non-polymer '4-(2-HYDROXYETHYL)-1-PIPERAZINE ETHANESULFONIC ACID'
5 non-polymer 1,2-ETHANEDIOL
6 non-polymer 'FUMARIC ACID'
7 water water
#
_entity_poly.entity_id   1
_entity_poly.type   'polypeptide(L)'
_entity_poly.pdbx_seq_one_letter_code
;SMFLPPPECPVFEPSWEEFADPFAFIHKIRPIAEQTGICKVRPPPDWQPPFACDVDKLHFTPRIQRLNELEAQTRVKLGG
GGARDYTLRTFGEMADAFKSDYFNMPVHMVPTELVEKEFWRLVSTIEEDVTVEYGADIASKEFGSGFPVRDGKIKLSPEE
EEYLDSGWNLNNMPVMEQSVLAHITADICGMKLPWLYVGMCFSSFCWHIEDHWSYSINYLHWGEPKTWYGVPGYAAEQLE
NVMKKLAPELFVSQPDLLHQLVTIMNPNTLMTHEVPVYRTNQCAGEFVITFPRAYHSGFNQGFNFAEAVNFCTVDWLPLG
RQCVEHYRLLHRYCVFSHDEMICKMASKADVLDVVVASTVQKDMAIMIEDEKALRETVRKLGVIDSERMDFELLPDDERQ
CVKCKTTCFMSAISCSCKPGLLVCLHHVKELCSCPPYKYKLRYRYTLDDLYPMMNALKLRAESYNEWALNVNEALEAKI
;
_entity_poly.pdbx_strand_id   A
#
loop_
_chem_comp.id
_chem_comp.type
_chem_comp.name
_chem_comp.formula
EDO non-polymer 1,2-ETHANEDIOL 'C2 H6 O2'
EPE non-polymer '4-(2-HYDROXYETHYL)-1-PIPERAZINE ETHANESULFONIC ACID' 'C8 H18 N2 O4 S'
FUM non-polymer 'FUMARIC ACID' 'C4 H4 O4'
MN non-polymer 'MANGANESE (II) ION' 'Mn 2'
ZN non-polymer 'ZINC ION' 'Zn 2'
#
# COMPACT_ATOMS: atom_id res chain seq x y z
N SER A 1 -23.16 9.31 -25.13
CA SER A 1 -21.78 8.88 -24.92
C SER A 1 -21.14 9.48 -23.65
N MET A 2 -21.82 9.33 -22.51
CA MET A 2 -21.30 9.85 -21.25
C MET A 2 -19.99 9.14 -20.88
N PHE A 3 -20.01 7.82 -20.74
CA PHE A 3 -18.83 7.12 -20.25
C PHE A 3 -18.23 6.15 -21.26
N LEU A 4 -16.99 6.40 -21.65
CA LEU A 4 -16.25 5.49 -22.50
C LEU A 4 -15.30 4.65 -21.65
N PRO A 5 -15.66 3.37 -21.41
CA PRO A 5 -14.85 2.48 -20.58
C PRO A 5 -13.40 2.40 -21.02
N PRO A 6 -12.48 2.56 -20.07
CA PRO A 6 -11.05 2.41 -20.37
C PRO A 6 -10.78 1.03 -20.95
N PRO A 7 -9.67 0.84 -21.67
CA PRO A 7 -9.35 -0.50 -22.16
C PRO A 7 -9.12 -1.47 -21.02
N GLU A 8 -9.38 -2.76 -21.24
CA GLU A 8 -9.19 -3.80 -20.23
C GLU A 8 -7.73 -3.95 -19.78
N CYS A 9 -7.53 -4.08 -18.47
CA CYS A 9 -6.18 -4.42 -18.00
C CYS A 9 -5.86 -5.89 -18.34
N PRO A 10 -4.58 -6.29 -18.27
CA PRO A 10 -4.16 -7.66 -18.57
C PRO A 10 -4.79 -8.70 -17.64
N VAL A 11 -5.06 -9.89 -18.17
CA VAL A 11 -5.63 -10.97 -17.39
C VAL A 11 -4.76 -12.19 -17.55
N PHE A 12 -4.41 -12.80 -16.43
CA PHE A 12 -3.51 -13.95 -16.45
C PHE A 12 -4.22 -15.15 -15.90
N GLU A 13 -3.97 -16.27 -16.57
CA GLU A 13 -4.45 -17.57 -16.13
C GLU A 13 -3.25 -18.48 -16.01
N PRO A 14 -2.57 -18.42 -14.86
CA PRO A 14 -1.39 -19.27 -14.69
C PRO A 14 -1.78 -20.75 -14.62
N SER A 15 -0.92 -21.60 -15.19
CA SER A 15 -1.02 -23.05 -15.01
C SER A 15 -0.69 -23.36 -13.58
N TRP A 16 -0.96 -24.57 -13.12
CA TRP A 16 -0.66 -24.84 -11.72
C TRP A 16 0.84 -24.74 -11.45
N GLU A 17 1.63 -25.08 -12.46
CA GLU A 17 3.07 -24.93 -12.36
C GLU A 17 3.45 -23.45 -12.16
N GLU A 18 2.95 -22.58 -13.03
CA GLU A 18 3.16 -21.12 -12.92
C GLU A 18 2.67 -20.57 -11.59
N PHE A 19 1.52 -21.10 -11.16
CA PHE A 19 0.83 -20.61 -9.98
C PHE A 19 1.55 -20.97 -8.70
N ALA A 20 2.33 -22.04 -8.75
CA ALA A 20 2.96 -22.62 -7.56
C ALA A 20 3.60 -21.56 -6.65
N ASP A 21 4.39 -20.67 -7.24
CA ASP A 21 4.98 -19.58 -6.47
C ASP A 21 4.51 -18.18 -6.91
N PRO A 22 3.78 -17.51 -6.02
CA PRO A 22 3.22 -16.19 -6.31
C PRO A 22 4.30 -15.18 -6.68
N PHE A 23 5.39 -15.14 -5.93
CA PHE A 23 6.45 -14.18 -6.21
C PHE A 23 7.17 -14.51 -7.52
N ALA A 24 7.33 -15.78 -7.83
CA ALA A 24 7.83 -16.18 -9.14
C ALA A 24 6.92 -15.66 -10.25
N PHE A 25 5.62 -15.90 -10.11
CA PHE A 25 4.63 -15.48 -11.12
C PHE A 25 4.59 -13.96 -11.29
N ILE A 26 4.47 -13.27 -10.16
CA ILE A 26 4.43 -11.82 -10.17
C ILE A 26 5.65 -11.23 -10.85
N HIS A 27 6.82 -11.84 -10.62
CA HIS A 27 8.03 -11.40 -11.31
C HIS A 27 7.93 -11.65 -12.82
N LYS A 28 7.35 -12.77 -13.22
CA LYS A 28 7.21 -13.05 -14.64
C LYS A 28 6.28 -12.04 -15.34
N ILE A 29 5.12 -11.74 -14.74
CA ILE A 29 4.14 -10.86 -15.39
C ILE A 29 4.55 -9.39 -15.36
N ARG A 30 5.55 -9.07 -14.55
CA ARG A 30 5.91 -7.68 -14.27
C ARG A 30 6.17 -6.80 -15.50
N PRO A 31 6.86 -7.33 -16.52
CA PRO A 31 7.08 -6.43 -17.67
C PRO A 31 5.77 -5.98 -18.31
N ILE A 32 4.79 -6.88 -18.34
CA ILE A 32 3.46 -6.56 -18.85
C ILE A 32 2.67 -5.69 -17.90
N ALA A 33 2.48 -6.19 -16.68
CA ALA A 33 1.52 -5.58 -15.75
C ALA A 33 1.95 -4.22 -15.22
N GLU A 34 3.23 -3.94 -15.22
CA GLU A 34 3.64 -2.63 -14.72
C GLU A 34 3.37 -1.56 -15.78
N GLN A 35 3.15 -1.99 -17.03
CA GLN A 35 2.75 -1.09 -18.10
C GLN A 35 1.27 -0.65 -17.95
N THR A 36 0.51 -1.40 -17.15
CA THR A 36 -0.90 -1.10 -16.94
C THR A 36 -1.25 -0.80 -15.50
N GLY A 37 -0.31 -1.06 -14.60
CA GLY A 37 -0.52 -0.71 -13.21
C GLY A 37 -1.25 -1.79 -12.43
N ILE A 38 -2.41 -2.20 -12.93
CA ILE A 38 -3.14 -3.31 -12.34
C ILE A 38 -3.19 -4.47 -13.32
N CYS A 39 -3.41 -5.66 -12.79
CA CYS A 39 -3.70 -6.82 -13.61
C CYS A 39 -4.54 -7.79 -12.82
N LYS A 40 -5.19 -8.69 -13.53
CA LYS A 40 -6.07 -9.64 -12.89
C LYS A 40 -5.47 -11.04 -12.97
N VAL A 41 -5.62 -11.83 -11.91
CA VAL A 41 -5.08 -13.18 -11.94
C VAL A 41 -6.17 -14.17 -11.61
N ARG A 42 -6.40 -15.07 -12.57
CA ARG A 42 -7.32 -16.18 -12.38
C ARG A 42 -6.56 -17.39 -11.91
N PRO A 43 -6.82 -17.80 -10.67
CA PRO A 43 -6.20 -19.04 -10.21
C PRO A 43 -6.55 -20.19 -11.15
N PRO A 44 -5.75 -21.27 -11.16
CA PRO A 44 -6.22 -22.51 -11.78
C PRO A 44 -7.60 -22.90 -11.21
N PRO A 45 -8.43 -23.51 -12.06
CA PRO A 45 -9.85 -23.75 -11.82
C PRO A 45 -10.19 -24.51 -10.54
N ASP A 46 -9.32 -25.42 -10.10
CA ASP A 46 -9.63 -26.19 -8.90
C ASP A 46 -9.09 -25.54 -7.64
N TRP A 47 -8.19 -24.57 -7.82
CA TRP A 47 -7.76 -23.74 -6.68
C TRP A 47 -8.99 -22.99 -6.19
N GLN A 48 -9.64 -23.54 -5.19
CA GLN A 48 -10.69 -22.77 -4.57
C GLN A 48 -10.65 -23.00 -3.08
N PRO A 49 -10.08 -22.02 -2.38
CA PRO A 49 -10.07 -21.98 -0.91
C PRO A 49 -11.48 -21.92 -0.41
N PRO A 50 -11.76 -22.60 0.70
CA PRO A 50 -13.09 -22.52 1.24
C PRO A 50 -13.30 -21.22 1.99
N PHE A 51 -14.33 -20.48 1.63
CA PHE A 51 -14.77 -19.44 2.53
C PHE A 51 -15.82 -20.06 3.43
N ALA A 52 -15.62 -19.93 4.74
CA ALA A 52 -16.63 -20.35 5.70
C ALA A 52 -16.70 -19.32 6.81
N CYS A 53 -17.87 -18.69 6.95
CA CYS A 53 -18.08 -17.72 8.02
C CYS A 53 -19.49 -17.80 8.55
N ASP A 54 -19.61 -17.55 9.86
CA ASP A 54 -20.92 -17.28 10.46
C ASP A 54 -21.27 -15.86 10.10
N VAL A 55 -22.26 -15.75 9.22
CA VAL A 55 -22.73 -14.47 8.74
C VAL A 55 -23.40 -13.69 9.86
N ASP A 56 -23.63 -14.35 10.99
CA ASP A 56 -24.36 -13.74 12.09
C ASP A 56 -23.47 -13.33 13.25
N LYS A 57 -22.28 -13.92 13.31
CA LYS A 57 -21.37 -13.64 14.41
C LYS A 57 -20.23 -12.69 14.00
N LEU A 58 -20.15 -12.34 12.73
CA LEU A 58 -19.27 -11.24 12.35
C LEU A 58 -20.04 -9.92 12.33
N HIS A 59 -19.70 -9.04 13.27
CA HIS A 59 -20.20 -7.67 13.32
CA HIS A 59 -20.24 -7.69 13.21
C HIS A 59 -19.11 -6.73 12.82
N PHE A 60 -19.49 -5.59 12.28
CA PHE A 60 -18.55 -4.54 11.91
C PHE A 60 -19.30 -3.23 11.74
N THR A 61 -18.57 -2.13 11.84
CA THR A 61 -19.14 -0.79 11.72
C THR A 61 -18.73 -0.22 10.37
N PRO A 62 -19.72 0.20 9.57
CA PRO A 62 -19.44 0.61 8.20
C PRO A 62 -19.21 2.10 8.00
N ARG A 63 -18.31 2.44 7.08
CA ARG A 63 -18.07 3.81 6.66
C ARG A 63 -19.19 4.31 5.75
N ILE A 64 -19.82 5.43 6.12
CA ILE A 64 -20.77 6.11 5.24
C ILE A 64 -20.01 6.87 4.17
N GLN A 65 -20.55 6.85 2.96
CA GLN A 65 -19.86 7.33 1.78
C GLN A 65 -20.81 8.13 0.91
N ARG A 66 -20.54 9.41 0.73
CA ARG A 66 -21.32 10.20 -0.23
C ARG A 66 -20.59 10.09 -1.57
N LEU A 67 -21.35 9.98 -2.65
CA LEU A 67 -20.74 9.70 -3.94
C LEU A 67 -20.59 10.95 -4.80
N ASN A 68 -19.61 11.79 -4.46
CA ASN A 68 -19.36 13.01 -5.23
C ASN A 68 -17.96 13.03 -5.81
N GLU A 69 -17.90 13.06 -7.14
CA GLU A 69 -16.64 13.23 -7.86
C GLU A 69 -15.92 14.49 -7.40
N LEU A 70 -14.60 14.35 -7.26
CA LEU A 70 -13.69 15.44 -6.89
C LEU A 70 -13.86 15.93 -5.45
N GLU A 71 -14.79 15.32 -4.72
CA GLU A 71 -15.00 15.68 -3.33
C GLU A 71 -14.00 14.95 -2.44
N ALA A 72 -13.49 15.65 -1.43
CA ALA A 72 -12.48 15.07 -0.55
C ALA A 72 -13.09 14.08 0.43
N GLN A 73 -12.45 12.92 0.52
CA GLN A 73 -12.71 11.93 1.55
C GLN A 73 -11.37 11.60 2.19
N THR A 74 -11.40 11.11 3.42
CA THR A 74 -10.15 10.74 4.09
C THR A 74 -9.95 9.23 3.97
N ARG A 75 -8.70 8.78 3.85
CA ARG A 75 -8.39 7.36 3.63
C ARG A 75 -9.06 6.43 4.66
N VAL A 76 -8.61 6.47 5.92
CA VAL A 76 -9.31 5.79 7.01
C VAL A 76 -9.06 6.52 8.32
N ARG A 84 -23.40 3.15 13.23
CA ARG A 84 -24.27 1.98 13.25
C ARG A 84 -23.50 0.65 13.10
N ASP A 85 -24.07 -0.44 13.63
CA ASP A 85 -23.46 -1.77 13.53
C ASP A 85 -24.20 -2.71 12.57
N TYR A 86 -23.45 -3.46 11.77
CA TYR A 86 -24.03 -4.49 10.90
C TYR A 86 -23.40 -5.85 11.14
N THR A 87 -24.20 -6.92 11.13
CA THR A 87 -23.61 -8.24 10.87
C THR A 87 -23.42 -8.36 9.37
N LEU A 88 -22.62 -9.34 8.97
CA LEU A 88 -22.43 -9.62 7.55
C LEU A 88 -23.76 -9.83 6.88
N ARG A 89 -24.69 -10.48 7.58
CA ARG A 89 -25.99 -10.81 7.01
C ARG A 89 -26.88 -9.58 6.88
N THR A 90 -26.90 -8.73 7.90
CA THR A 90 -27.77 -7.57 7.87
C THR A 90 -27.28 -6.60 6.81
N PHE A 91 -25.97 -6.53 6.66
CA PHE A 91 -25.39 -5.69 5.63
C PHE A 91 -25.80 -6.19 4.24
N GLY A 92 -25.72 -7.49 4.03
CA GLY A 92 -26.11 -8.06 2.76
C GLY A 92 -27.57 -7.81 2.45
N GLU A 93 -28.41 -7.92 3.46
CA GLU A 93 -29.83 -7.62 3.29
C GLU A 93 -30.01 -6.17 2.87
N MET A 94 -29.25 -5.27 3.49
CA MET A 94 -29.30 -3.86 3.17
C MET A 94 -28.77 -3.62 1.76
N ALA A 95 -27.61 -4.19 1.48
CA ALA A 95 -26.94 -4.01 0.20
C ALA A 95 -27.83 -4.47 -0.95
N ASP A 96 -28.35 -5.68 -0.86
CA ASP A 96 -29.18 -6.24 -1.91
C ASP A 96 -30.45 -5.42 -2.10
N ALA A 97 -31.12 -5.06 -1.01
CA ALA A 97 -32.31 -4.21 -1.08
C ALA A 97 -32.01 -2.86 -1.74
N PHE A 98 -30.82 -2.32 -1.51
CA PHE A 98 -30.46 -1.05 -2.11
C PHE A 98 -30.30 -1.13 -3.63
N LYS A 99 -29.56 -2.13 -4.11
CA LYS A 99 -29.29 -2.25 -5.53
C LYS A 99 -30.59 -2.56 -6.25
N SER A 100 -31.34 -3.46 -5.64
CA SER A 100 -32.61 -3.93 -6.18
C SER A 100 -33.55 -2.74 -6.40
N ASP A 101 -33.70 -1.90 -5.38
CA ASP A 101 -34.56 -0.72 -5.45
C ASP A 101 -34.02 0.37 -6.35
N TYR A 102 -32.69 0.54 -6.36
CA TYR A 102 -32.08 1.58 -7.17
C TYR A 102 -32.42 1.35 -8.61
N PHE A 103 -32.39 0.11 -9.06
CA PHE A 103 -32.55 -0.18 -10.48
C PHE A 103 -33.91 -0.77 -10.77
N ASN A 104 -34.68 -1.00 -9.72
CA ASN A 104 -35.94 -1.74 -9.83
C ASN A 104 -35.74 -2.99 -10.68
N MET A 105 -34.70 -3.74 -10.37
CA MET A 105 -34.42 -5.00 -11.04
C MET A 105 -33.99 -6.05 -10.02
N PRO A 106 -34.11 -7.34 -10.37
CA PRO A 106 -33.54 -8.41 -9.53
C PRO A 106 -32.05 -8.17 -9.34
N VAL A 107 -31.61 -8.19 -8.08
CA VAL A 107 -30.30 -7.62 -7.71
C VAL A 107 -29.13 -8.23 -8.51
N HIS A 108 -29.30 -9.47 -8.94
CA HIS A 108 -28.30 -10.21 -9.74
C HIS A 108 -28.49 -10.09 -11.26
N MET A 109 -29.23 -9.08 -11.71
CA MET A 109 -29.61 -8.99 -13.12
C MET A 109 -29.19 -7.70 -13.78
N VAL A 110 -28.73 -6.75 -12.97
CA VAL A 110 -28.19 -5.49 -13.48
C VAL A 110 -26.86 -5.68 -14.20
N PRO A 111 -26.80 -5.30 -15.48
CA PRO A 111 -25.57 -5.45 -16.24
C PRO A 111 -24.40 -4.65 -15.64
N THR A 112 -23.20 -5.21 -15.69
CA THR A 112 -22.06 -4.52 -15.08
C THR A 112 -21.78 -3.23 -15.81
N GLU A 113 -21.91 -3.22 -17.14
N GLU A 113 -21.91 -3.26 -17.13
CA GLU A 113 -21.66 -2.01 -17.90
CA GLU A 113 -21.79 -2.09 -18.00
C GLU A 113 -22.66 -0.91 -17.50
C GLU A 113 -22.63 -0.95 -17.46
N LEU A 114 -23.85 -1.29 -17.06
CA LEU A 114 -24.83 -0.30 -16.62
C LEU A 114 -24.50 0.26 -15.26
N VAL A 115 -24.08 -0.61 -14.34
CA VAL A 115 -23.69 -0.17 -13.01
C VAL A 115 -22.50 0.78 -13.10
N GLU A 116 -21.57 0.46 -13.99
CA GLU A 116 -20.42 1.32 -14.25
C GLU A 116 -20.81 2.69 -14.75
N LYS A 117 -21.56 2.71 -15.86
CA LYS A 117 -22.09 3.93 -16.49
C LYS A 117 -22.86 4.77 -15.49
N GLU A 118 -23.66 4.11 -14.67
CA GLU A 118 -24.49 4.77 -13.68
C GLU A 118 -23.70 5.27 -12.51
N PHE A 119 -22.61 4.58 -12.20
CA PHE A 119 -21.74 5.05 -11.14
C PHE A 119 -21.17 6.41 -11.51
N TRP A 120 -20.66 6.51 -12.73
CA TRP A 120 -19.99 7.72 -13.16
C TRP A 120 -20.97 8.85 -13.43
N ARG A 121 -22.19 8.49 -13.81
CA ARG A 121 -23.22 9.50 -13.90
C ARG A 121 -23.50 10.07 -12.54
N LEU A 122 -23.82 9.21 -11.57
CA LEU A 122 -24.29 9.74 -10.30
C LEU A 122 -23.20 10.45 -9.49
N VAL A 123 -21.93 10.13 -9.69
CA VAL A 123 -20.91 10.83 -8.92
C VAL A 123 -20.69 12.25 -9.50
N SER A 124 -21.19 12.49 -10.71
CA SER A 124 -20.92 13.76 -11.38
C SER A 124 -22.14 14.69 -11.35
N THR A 125 -23.31 14.13 -11.05
CA THR A 125 -24.53 14.93 -10.92
C THR A 125 -24.68 15.43 -9.50
N ILE A 126 -24.88 16.73 -9.32
CA ILE A 126 -24.96 17.27 -7.97
C ILE A 126 -26.37 17.20 -7.36
N GLU A 127 -27.37 17.00 -8.21
CA GLU A 127 -28.75 16.86 -7.73
C GLU A 127 -28.90 15.59 -6.90
N GLU A 128 -28.38 14.49 -7.43
CA GLU A 128 -28.42 13.20 -6.73
C GLU A 128 -27.43 13.19 -5.60
N ASP A 129 -27.90 12.87 -4.40
CA ASP A 129 -26.99 12.76 -3.25
C ASP A 129 -27.02 11.33 -2.71
N VAL A 130 -26.63 10.39 -3.56
CA VAL A 130 -26.59 8.98 -3.17
C VAL A 130 -25.52 8.71 -2.12
N THR A 131 -25.92 8.16 -0.99
CA THR A 131 -24.94 7.76 0.01
C THR A 131 -24.99 6.24 0.20
N VAL A 132 -23.83 5.60 0.31
CA VAL A 132 -23.78 4.16 0.55
C VAL A 132 -22.86 3.86 1.72
N GLU A 133 -22.72 2.58 2.04
CA GLU A 133 -21.88 2.16 3.15
C GLU A 133 -20.89 1.10 2.73
N TYR A 134 -19.67 1.19 3.25
CA TYR A 134 -18.58 0.26 2.96
C TYR A 134 -18.16 -0.36 4.30
N GLY A 135 -17.60 -1.55 4.29
CA GLY A 135 -16.84 -2.02 5.43
C GLY A 135 -15.37 -2.15 5.05
N ALA A 136 -14.47 -1.46 5.77
CA ALA A 136 -13.02 -1.68 5.57
C ALA A 136 -12.25 -1.76 6.90
N ASP A 137 -11.62 -2.90 7.16
CA ASP A 137 -11.15 -3.24 8.50
C ASP A 137 -10.14 -4.39 8.48
N ILE A 138 -9.17 -4.37 9.39
CA ILE A 138 -8.16 -5.43 9.37
C ILE A 138 -8.66 -6.69 10.05
N ALA A 139 -7.96 -7.79 9.77
CA ALA A 139 -8.25 -9.06 10.40
C ALA A 139 -8.03 -9.00 11.92
N SER A 140 -9.09 -9.27 12.68
CA SER A 140 -9.04 -9.33 14.14
C SER A 140 -9.80 -10.57 14.64
N LYS A 141 -9.68 -10.89 15.92
CA LYS A 141 -10.47 -11.98 16.51
C LYS A 141 -11.97 -11.68 16.37
N GLU A 142 -12.29 -10.39 16.36
CA GLU A 142 -13.65 -9.91 16.11
C GLU A 142 -13.98 -9.96 14.61
N PHE A 143 -12.95 -9.98 13.75
CA PHE A 143 -13.14 -9.99 12.30
C PHE A 143 -12.02 -10.70 11.54
N GLY A 144 -11.99 -12.03 11.56
CA GLY A 144 -10.84 -12.78 11.03
C GLY A 144 -10.72 -12.84 9.52
N SER A 145 -9.60 -13.38 9.04
CA SER A 145 -9.36 -13.58 7.61
C SER A 145 -10.41 -14.48 6.92
N GLY A 146 -10.58 -14.28 5.62
CA GLY A 146 -11.50 -15.08 4.84
C GLY A 146 -10.81 -16.33 4.38
N PHE A 147 -9.49 -16.30 4.40
CA PHE A 147 -8.65 -17.47 4.20
C PHE A 147 -8.52 -18.31 5.49
N PRO A 148 -8.16 -19.61 5.35
CA PRO A 148 -7.97 -20.44 6.55
C PRO A 148 -6.66 -20.09 7.25
N VAL A 149 -6.71 -19.94 8.58
CA VAL A 149 -5.49 -19.75 9.36
C VAL A 149 -5.34 -20.86 10.39
N ARG A 150 -4.10 -21.23 10.68
CA ARG A 150 -3.81 -22.33 11.59
C ARG A 150 -4.22 -22.01 13.02
N ASP A 151 -5.02 -22.91 13.62
CA ASP A 151 -5.37 -22.87 15.04
C ASP A 151 -5.40 -24.25 15.69
N ILE A 154 -9.13 -24.01 17.05
CA ILE A 154 -10.22 -24.42 16.16
C ILE A 154 -9.69 -25.33 15.03
N LYS A 155 -10.44 -26.41 14.75
CA LYS A 155 -9.99 -27.49 13.86
C LYS A 155 -10.44 -27.37 12.40
N LEU A 156 -9.50 -27.61 11.48
CA LEU A 156 -9.71 -27.42 10.05
C LEU A 156 -9.85 -28.74 9.30
N SER A 157 -10.71 -28.73 8.28
CA SER A 157 -10.88 -29.88 7.37
C SER A 157 -9.66 -29.97 6.44
N PRO A 158 -9.39 -31.15 5.84
CA PRO A 158 -8.20 -31.23 4.98
C PRO A 158 -8.31 -30.33 3.75
N GLU A 159 -9.54 -29.99 3.35
CA GLU A 159 -9.80 -29.02 2.29
C GLU A 159 -9.19 -27.68 2.66
N GLU A 160 -9.35 -27.28 3.91
CA GLU A 160 -8.79 -26.02 4.39
C GLU A 160 -7.27 -26.06 4.58
N GLU A 161 -6.71 -27.25 4.86
CA GLU A 161 -5.28 -27.34 5.17
C GLU A 161 -4.40 -27.32 3.92
N GLU A 162 -4.95 -27.77 2.80
CA GLU A 162 -4.27 -27.60 1.51
C GLU A 162 -3.95 -26.13 1.23
N TYR A 163 -4.83 -25.26 1.73
CA TYR A 163 -4.78 -23.83 1.45
C TYR A 163 -4.15 -23.07 2.61
N LEU A 164 -3.72 -23.81 3.62
CA LEU A 164 -3.25 -23.20 4.84
C LEU A 164 -1.92 -22.53 4.61
N ASP A 165 -1.14 -23.11 3.71
CA ASP A 165 0.22 -22.64 3.50
C ASP A 165 0.41 -22.14 2.10
N SER A 166 -0.68 -21.99 1.35
CA SER A 166 -0.55 -21.52 -0.02
C SER A 166 0.09 -20.15 -0.07
N GLY A 167 0.92 -19.93 -1.08
CA GLY A 167 1.49 -18.61 -1.27
C GLY A 167 0.42 -17.55 -1.50
N TRP A 168 -0.75 -17.98 -2.01
CA TRP A 168 -1.82 -17.04 -2.33
C TRP A 168 -2.82 -16.90 -1.21
N ASN A 169 -2.64 -17.65 -0.13
CA ASN A 169 -3.36 -17.32 1.09
C ASN A 169 -2.76 -15.98 1.48
N LEU A 170 -3.60 -14.95 1.62
CA LEU A 170 -3.04 -13.61 1.73
C LEU A 170 -2.47 -13.37 3.13
N ASN A 171 -2.69 -14.30 4.05
CA ASN A 171 -2.02 -14.26 5.34
C ASN A 171 -0.53 -14.63 5.28
N ASN A 172 -0.18 -15.54 4.38
CA ASN A 172 1.19 -15.99 4.21
C ASN A 172 2.00 -15.10 3.29
N MET A 173 1.31 -14.48 2.33
CA MET A 173 1.91 -13.56 1.37
C MET A 173 2.88 -12.53 1.98
N PRO A 174 2.49 -11.86 3.08
CA PRO A 174 3.42 -10.88 3.66
C PRO A 174 4.71 -11.51 4.17
N VAL A 175 4.59 -12.65 4.86
CA VAL A 175 5.67 -13.21 5.66
C VAL A 175 6.54 -14.24 4.93
N MET A 176 6.43 -14.32 3.61
CA MET A 176 7.23 -15.31 2.88
C MET A 176 8.67 -14.84 2.63
N GLU A 177 9.45 -15.70 1.99
CA GLU A 177 10.90 -15.50 1.93
C GLU A 177 11.29 -14.56 0.80
N GLN A 178 10.59 -14.65 -0.33
CA GLN A 178 10.89 -13.77 -1.47
C GLN A 178 10.38 -12.34 -1.20
N SER A 179 9.67 -12.21 -0.07
CA SER A 179 9.11 -10.95 0.41
C SER A 179 10.02 -10.18 1.37
N VAL A 180 9.92 -8.86 1.31
CA VAL A 180 10.86 -7.98 1.99
C VAL A 180 10.34 -7.47 3.33
N LEU A 181 9.05 -7.15 3.43
CA LEU A 181 8.48 -6.61 4.68
C LEU A 181 8.40 -7.65 5.77
N ALA A 182 8.88 -8.86 5.47
CA ALA A 182 8.80 -10.00 6.36
C ALA A 182 9.43 -9.71 7.71
N HIS A 183 10.76 -9.66 7.68
CA HIS A 183 11.60 -9.61 8.85
C HIS A 183 11.70 -8.20 9.45
N ILE A 184 10.90 -7.26 8.96
CA ILE A 184 10.66 -6.02 9.72
C ILE A 184 10.14 -6.41 11.11
N THR A 185 10.69 -5.79 12.13
CA THR A 185 10.31 -6.06 13.51
C THR A 185 9.66 -4.81 14.09
N ALA A 186 10.05 -3.64 13.58
CA ALA A 186 9.36 -2.39 13.86
C ALA A 186 8.05 -2.41 13.11
N ASP A 187 7.07 -3.14 13.65
CA ASP A 187 6.00 -3.58 12.79
C ASP A 187 4.86 -2.60 12.59
N ILE A 188 4.19 -2.87 11.48
CA ILE A 188 3.33 -1.94 10.80
C ILE A 188 1.88 -2.21 11.13
N CYS A 189 1.51 -3.47 10.93
CA CYS A 189 0.13 -3.95 11.05
C CYS A 189 -0.72 -3.39 9.90
N GLY A 190 -0.51 -2.11 9.58
CA GLY A 190 -1.12 -1.50 8.41
C GLY A 190 -0.70 -2.21 7.13
N MET A 191 0.55 -2.65 7.07
CA MET A 191 1.08 -3.25 5.85
C MET A 191 1.49 -4.71 5.97
N LYS A 192 1.36 -5.28 7.16
CA LYS A 192 1.74 -6.68 7.33
C LYS A 192 0.49 -7.54 7.26
N LEU A 193 -0.64 -6.96 7.67
CA LEU A 193 -1.87 -7.70 7.90
C LEU A 193 -2.93 -7.47 6.85
N PRO A 194 -3.63 -8.53 6.45
CA PRO A 194 -4.73 -8.43 5.49
C PRO A 194 -5.85 -7.50 5.97
N TRP A 195 -6.37 -6.78 4.99
CA TRP A 195 -7.55 -5.97 5.19
C TRP A 195 -8.77 -6.62 4.56
N LEU A 196 -9.91 -6.49 5.21
CA LEU A 196 -11.16 -7.04 4.70
C LEU A 196 -12.13 -5.96 4.25
N TYR A 197 -12.68 -6.13 3.05
CA TYR A 197 -13.63 -5.17 2.53
C TYR A 197 -14.97 -5.83 2.20
N VAL A 198 -16.01 -5.42 2.93
CA VAL A 198 -17.38 -5.83 2.63
C VAL A 198 -18.05 -4.75 1.77
N GLY A 199 -18.24 -5.01 0.49
CA GLY A 199 -18.80 -4.00 -0.40
C GLY A 199 -20.30 -4.09 -0.64
N MET A 200 -20.83 -3.01 -1.18
CA MET A 200 -22.20 -2.96 -1.70
C MET A 200 -22.17 -2.16 -2.99
N CYS A 201 -23.29 -2.13 -3.73
CA CYS A 201 -23.32 -1.44 -5.00
C CYS A 201 -22.92 0.03 -4.85
N PHE A 202 -21.98 0.49 -5.69
CA PHE A 202 -21.47 1.89 -5.71
C PHE A 202 -20.51 2.27 -4.56
N SER A 203 -20.39 1.45 -3.52
CA SER A 203 -19.35 1.71 -2.51
C SER A 203 -18.04 1.71 -3.25
N SER A 204 -17.15 2.63 -2.90
CA SER A 204 -15.98 2.82 -3.76
C SER A 204 -14.71 3.05 -3.00
N PHE A 205 -13.60 2.93 -3.72
CA PHE A 205 -12.34 3.30 -3.14
C PHE A 205 -11.71 4.30 -4.07
N CYS A 206 -11.24 5.41 -3.49
CA CYS A 206 -10.74 6.57 -4.23
C CYS A 206 -9.38 6.33 -4.80
N TRP A 207 -8.96 7.20 -5.69
CA TRP A 207 -7.64 7.04 -6.28
C TRP A 207 -6.57 7.12 -5.20
N HIS A 208 -5.66 6.15 -5.21
CA HIS A 208 -4.55 6.14 -4.28
C HIS A 208 -3.46 5.26 -4.81
N ILE A 209 -2.30 5.33 -4.18
CA ILE A 209 -1.23 4.37 -4.35
C ILE A 209 -0.94 3.86 -2.95
N GLU A 210 -0.18 2.77 -2.85
CA GLU A 210 0.07 2.15 -1.53
C GLU A 210 1.17 2.88 -0.78
N ASP A 211 1.09 2.85 0.53
CA ASP A 211 2.21 3.28 1.37
C ASP A 211 3.54 2.71 0.88
N HIS A 212 4.53 3.60 0.79
CA HIS A 212 5.88 3.25 0.37
C HIS A 212 5.93 2.61 -1.02
N TRP A 213 4.91 2.93 -1.82
CA TRP A 213 4.81 2.45 -3.20
C TRP A 213 4.89 0.93 -3.27
N SER A 214 4.37 0.25 -2.26
CA SER A 214 4.38 -1.20 -2.30
C SER A 214 3.38 -1.76 -3.29
N TYR A 215 3.59 -3.02 -3.67
CA TYR A 215 2.53 -3.81 -4.32
C TYR A 215 1.34 -3.98 -3.40
N SER A 216 0.18 -4.27 -3.98
CA SER A 216 -0.88 -4.90 -3.21
C SER A 216 -1.50 -6.01 -4.03
N ILE A 217 -2.15 -6.92 -3.33
CA ILE A 217 -2.86 -8.02 -3.94
C ILE A 217 -4.19 -8.11 -3.22
N ASN A 218 -5.22 -8.34 -4.01
CA ASN A 218 -6.60 -8.26 -3.55
C ASN A 218 -7.32 -9.48 -4.09
N TYR A 219 -8.00 -10.19 -3.19
CA TYR A 219 -8.75 -11.37 -3.56
C TYR A 219 -10.21 -11.11 -3.29
N LEU A 220 -11.04 -11.29 -4.31
CA LEU A 220 -12.49 -11.24 -4.11
C LEU A 220 -12.96 -12.62 -3.70
N HIS A 221 -13.32 -12.79 -2.43
CA HIS A 221 -13.72 -14.09 -1.91
C HIS A 221 -15.03 -14.58 -2.53
N TRP A 222 -16.02 -13.69 -2.57
CA TRP A 222 -17.33 -14.01 -3.11
C TRP A 222 -18.17 -12.75 -3.29
N GLY A 223 -19.30 -12.90 -4.00
CA GLY A 223 -20.26 -11.83 -4.18
C GLY A 223 -20.09 -11.23 -5.54
N GLU A 224 -20.70 -10.07 -5.76
CA GLU A 224 -20.70 -9.47 -7.10
C GLU A 224 -19.38 -8.79 -7.41
N PRO A 225 -19.12 -8.51 -8.69
CA PRO A 225 -17.74 -8.10 -8.99
C PRO A 225 -17.31 -6.77 -8.37
N LYS A 226 -16.00 -6.55 -8.42
CA LYS A 226 -15.42 -5.29 -8.00
C LYS A 226 -14.81 -4.69 -9.25
N THR A 227 -15.18 -3.45 -9.56
CA THR A 227 -14.64 -2.80 -10.76
C THR A 227 -13.48 -1.94 -10.38
N TRP A 228 -12.39 -2.08 -11.12
CA TRP A 228 -11.12 -1.44 -10.87
C TRP A 228 -10.73 -0.50 -11.98
N TYR A 229 -10.11 0.62 -11.62
CA TYR A 229 -9.37 1.40 -12.60
C TYR A 229 -7.95 1.52 -12.08
N GLY A 230 -6.99 1.39 -12.99
CA GLY A 230 -5.60 1.41 -12.63
C GLY A 230 -4.76 2.22 -13.58
N VAL A 231 -3.70 2.81 -13.04
CA VAL A 231 -2.80 3.64 -13.82
C VAL A 231 -1.39 3.12 -13.57
N PRO A 232 -0.60 2.92 -14.64
CA PRO A 232 0.77 2.42 -14.42
C PRO A 232 1.61 3.41 -13.61
N GLY A 233 2.51 2.88 -12.79
CA GLY A 233 3.37 3.69 -11.95
C GLY A 233 4.09 4.81 -12.70
N TYR A 234 4.37 4.58 -13.97
CA TYR A 234 5.15 5.56 -14.70
C TYR A 234 4.35 6.82 -14.96
N ALA A 235 3.03 6.71 -14.87
CA ALA A 235 2.16 7.84 -15.14
C ALA A 235 1.63 8.45 -13.86
N ALA A 236 2.24 8.05 -12.74
CA ALA A 236 1.78 8.51 -11.43
C ALA A 236 1.73 10.04 -11.32
N GLU A 237 2.81 10.70 -11.67
CA GLU A 237 2.90 12.14 -11.43
C GLU A 237 1.99 12.86 -12.40
N GLN A 238 1.96 12.34 -13.62
CA GLN A 238 1.07 12.83 -14.65
C GLN A 238 -0.37 12.87 -14.15
N LEU A 239 -0.78 11.78 -13.49
CA LEU A 239 -2.11 11.71 -12.89
C LEU A 239 -2.26 12.71 -11.78
N GLU A 240 -1.17 12.91 -11.04
CA GLU A 240 -1.19 13.82 -9.90
C GLU A 240 -1.29 15.25 -10.40
N ASN A 241 -0.64 15.54 -11.53
CA ASN A 241 -0.72 16.88 -12.09
C ASN A 241 -2.17 17.15 -12.47
N VAL A 242 -2.76 16.20 -13.19
CA VAL A 242 -4.16 16.33 -13.55
C VAL A 242 -5.06 16.48 -12.33
N MET A 243 -4.78 15.74 -11.26
CA MET A 243 -5.70 15.81 -10.13
C MET A 243 -5.50 17.13 -9.38
N LYS A 244 -4.25 17.59 -9.30
CA LYS A 244 -3.91 18.87 -8.68
C LYS A 244 -4.73 20.00 -9.32
N LYS A 245 -4.72 20.02 -10.65
CA LYS A 245 -5.40 21.05 -11.42
C LYS A 245 -6.91 21.11 -11.14
N LEU A 246 -7.53 19.96 -10.90
CA LEU A 246 -8.98 19.88 -10.80
C LEU A 246 -9.52 19.85 -9.37
N ALA A 247 -8.68 19.42 -8.42
CA ALA A 247 -9.11 19.33 -7.02
C ALA A 247 -7.93 19.62 -6.09
N PRO A 248 -7.46 20.89 -6.08
CA PRO A 248 -6.21 21.27 -5.41
C PRO A 248 -6.23 21.14 -3.87
N GLU A 249 -7.41 21.17 -3.25
CA GLU A 249 -7.52 21.06 -1.79
C GLU A 249 -7.20 19.66 -1.29
N LEU A 250 -7.07 18.70 -2.21
CA LEU A 250 -6.59 17.35 -1.89
C LEU A 250 -5.08 17.34 -1.68
N PHE A 251 -4.45 18.45 -2.03
CA PHE A 251 -3.00 18.52 -2.04
C PHE A 251 -2.49 19.49 -0.99
N VAL A 252 -3.41 19.96 -0.15
CA VAL A 252 -3.07 20.63 1.09
C VAL A 252 -2.53 19.58 2.07
N SER A 253 -1.20 19.55 2.24
CA SER A 253 -0.54 18.63 3.15
C SER A 253 -1.16 18.77 4.52
N GLN A 254 -1.45 17.60 5.09
CA GLN A 254 -2.22 17.50 6.35
C GLN A 254 -1.29 16.94 7.49
N PRO A 255 -1.67 17.11 8.79
CA PRO A 255 -0.77 16.68 9.88
C PRO A 255 -0.53 15.18 10.07
N ASP A 256 -1.10 14.27 9.29
CA ASP A 256 -0.83 12.84 9.51
C ASP A 256 -1.37 12.00 8.34
N LEU A 257 -1.01 10.72 8.32
CA LEU A 257 -1.52 9.74 7.36
C LEU A 257 -2.99 9.40 7.65
N LEU A 258 -3.46 9.82 8.82
CA LEU A 258 -4.87 9.74 9.19
C LEU A 258 -5.69 10.85 8.56
N HIS A 259 -5.03 11.66 7.72
CA HIS A 259 -5.66 12.85 7.18
C HIS A 259 -5.43 13.00 5.67
N GLN A 260 -4.68 12.09 5.06
CA GLN A 260 -4.39 12.22 3.64
C GLN A 260 -5.68 12.15 2.82
N LEU A 261 -5.86 13.16 1.97
CA LEU A 261 -7.10 13.34 1.22
C LEU A 261 -7.09 12.58 -0.09
N VAL A 262 -8.20 11.92 -0.39
CA VAL A 262 -8.32 11.15 -1.63
C VAL A 262 -9.67 11.43 -2.30
N THR A 263 -9.76 11.12 -3.58
CA THR A 263 -11.00 11.41 -4.31
C THR A 263 -11.38 10.42 -5.42
N ILE A 264 -12.70 10.35 -5.63
CA ILE A 264 -13.30 9.75 -6.82
C ILE A 264 -13.08 10.67 -8.01
N MET A 265 -12.65 10.13 -9.14
CA MET A 265 -12.46 10.95 -10.33
C MET A 265 -12.61 10.13 -11.59
N ASN A 266 -13.35 10.66 -12.55
CA ASN A 266 -13.69 9.91 -13.75
C ASN A 266 -12.45 9.54 -14.55
N PRO A 267 -12.20 8.24 -14.77
CA PRO A 267 -11.09 7.83 -15.62
C PRO A 267 -11.13 8.46 -17.02
N ASN A 268 -12.31 8.87 -17.50
CA ASN A 268 -12.41 9.56 -18.77
C ASN A 268 -11.69 10.91 -18.68
N THR A 269 -11.81 11.57 -17.54
CA THR A 269 -11.12 12.82 -17.31
C THR A 269 -9.61 12.58 -17.44
N LEU A 270 -9.11 11.52 -16.83
CA LEU A 270 -7.68 11.20 -16.95
C LEU A 270 -7.29 10.92 -18.41
N MET A 271 -8.10 10.13 -19.11
CA MET A 271 -7.80 9.76 -20.49
C MET A 271 -7.78 10.96 -21.43
N THR A 272 -8.66 11.93 -21.16
CA THR A 272 -8.67 13.17 -21.92
C THR A 272 -7.34 13.91 -21.81
N HIS A 273 -6.72 13.82 -20.64
CA HIS A 273 -5.42 14.44 -20.44
C HIS A 273 -4.27 13.47 -20.70
N GLU A 274 -4.56 12.44 -21.50
CA GLU A 274 -3.55 11.51 -22.01
C GLU A 274 -2.83 10.71 -20.92
N VAL A 275 -3.49 10.53 -19.78
CA VAL A 275 -3.05 9.58 -18.76
C VAL A 275 -3.62 8.20 -19.00
N PRO A 276 -2.76 7.20 -19.18
CA PRO A 276 -3.26 5.86 -19.49
C PRO A 276 -3.99 5.21 -18.29
N VAL A 277 -5.24 4.81 -18.50
CA VAL A 277 -6.07 4.14 -17.49
C VAL A 277 -6.52 2.76 -18.00
N TYR A 278 -6.56 1.77 -17.11
CA TYR A 278 -7.05 0.46 -17.50
C TYR A 278 -8.17 0.09 -16.57
N ARG A 279 -9.04 -0.82 -17.00
CA ARG A 279 -10.11 -1.29 -16.13
C ARG A 279 -10.11 -2.81 -16.02
N THR A 280 -10.86 -3.30 -15.05
CA THR A 280 -11.22 -4.70 -15.04
C THR A 280 -12.41 -4.88 -14.12
N ASN A 281 -13.17 -5.94 -14.37
CA ASN A 281 -14.13 -6.44 -13.40
C ASN A 281 -13.52 -7.64 -12.76
N GLN A 282 -13.26 -7.54 -11.47
CA GLN A 282 -12.72 -8.64 -10.72
C GLN A 282 -13.88 -9.44 -10.18
N CYS A 283 -13.94 -10.71 -10.53
CA CYS A 283 -15.05 -11.55 -10.07
C CYS A 283 -14.61 -12.45 -8.92
N ALA A 284 -15.59 -13.02 -8.21
CA ALA A 284 -15.34 -13.96 -7.12
C ALA A 284 -14.26 -14.98 -7.50
N GLY A 285 -13.27 -15.16 -6.62
CA GLY A 285 -12.17 -16.09 -6.85
C GLY A 285 -11.09 -15.55 -7.77
N GLU A 286 -11.17 -14.28 -8.13
CA GLU A 286 -10.07 -13.70 -8.87
C GLU A 286 -9.22 -12.74 -8.00
N PHE A 287 -7.95 -12.62 -8.38
CA PHE A 287 -7.00 -11.73 -7.74
C PHE A 287 -6.80 -10.49 -8.59
N VAL A 288 -6.71 -9.34 -7.94
CA VAL A 288 -6.12 -8.17 -8.59
C VAL A 288 -4.80 -7.83 -7.90
N ILE A 289 -3.79 -7.51 -8.71
CA ILE A 289 -2.50 -7.12 -8.21
C ILE A 289 -2.20 -5.70 -8.67
N THR A 290 -1.79 -4.83 -7.75
CA THR A 290 -1.40 -3.50 -8.14
C THR A 290 0.11 -3.39 -7.97
N PHE A 291 0.75 -2.77 -8.95
CA PHE A 291 2.19 -2.62 -8.96
C PHE A 291 2.66 -1.31 -8.29
N PRO A 292 3.96 -1.20 -7.99
CA PRO A 292 4.42 -0.04 -7.24
C PRO A 292 4.08 1.30 -7.86
N ARG A 293 3.56 2.22 -7.04
N ARG A 293 3.58 2.22 -7.02
CA ARG A 293 3.25 3.59 -7.47
CA ARG A 293 3.20 3.57 -7.42
C ARG A 293 2.15 3.59 -8.56
C ARG A 293 2.14 3.59 -8.52
N ALA A 294 1.43 2.47 -8.68
CA ALA A 294 0.31 2.39 -9.63
C ALA A 294 -0.98 2.88 -8.99
N TYR A 295 -1.50 4.00 -9.49
CA TYR A 295 -2.75 4.54 -8.94
C TYR A 295 -3.92 3.60 -9.23
N HIS A 296 -4.86 3.51 -8.30
CA HIS A 296 -6.03 2.72 -8.58
C HIS A 296 -7.21 3.22 -7.76
N SER A 297 -8.40 2.93 -8.28
CA SER A 297 -9.67 3.25 -7.67
C SER A 297 -10.68 2.26 -8.21
N GLY A 298 -11.87 2.29 -7.63
CA GLY A 298 -12.95 1.52 -8.20
C GLY A 298 -14.16 1.56 -7.32
N PHE A 299 -15.09 0.67 -7.63
CA PHE A 299 -16.35 0.58 -6.91
C PHE A 299 -16.85 -0.88 -6.97
N ASN A 300 -17.77 -1.20 -6.08
CA ASN A 300 -18.34 -2.53 -6.06
C ASN A 300 -19.68 -2.57 -6.82
N GLN A 301 -19.90 -3.67 -7.52
CA GLN A 301 -21.11 -3.87 -8.31
C GLN A 301 -22.26 -4.28 -7.44
N GLY A 302 -21.93 -4.87 -6.30
CA GLY A 302 -22.95 -5.30 -5.36
C GLY A 302 -22.31 -5.90 -4.13
N PHE A 303 -23.12 -6.62 -3.36
CA PHE A 303 -22.67 -7.29 -2.16
C PHE A 303 -21.48 -8.20 -2.47
N ASN A 304 -20.38 -7.96 -1.78
CA ASN A 304 -19.21 -8.81 -1.94
C ASN A 304 -18.26 -8.73 -0.76
N PHE A 305 -17.17 -9.47 -0.88
CA PHE A 305 -16.24 -9.67 0.22
C PHE A 305 -14.84 -9.87 -0.33
N ALA A 306 -13.97 -8.93 0.00
CA ALA A 306 -12.63 -8.97 -0.54
C ALA A 306 -11.64 -8.91 0.59
N GLU A 307 -10.44 -9.37 0.29
CA GLU A 307 -9.35 -9.38 1.25
C GLU A 307 -8.13 -8.87 0.51
N ALA A 308 -7.38 -7.96 1.13
CA ALA A 308 -6.19 -7.44 0.48
C ALA A 308 -5.02 -7.21 1.44
N VAL A 309 -3.83 -7.27 0.89
CA VAL A 309 -2.63 -7.11 1.70
C VAL A 309 -1.56 -6.47 0.84
N ASN A 310 -0.70 -5.66 1.46
CA ASN A 310 0.44 -5.08 0.74
C ASN A 310 1.61 -6.03 0.81
N PHE A 311 2.58 -5.84 -0.09
CA PHE A 311 3.78 -6.64 0.03
C PHE A 311 4.90 -6.01 -0.79
N CYS A 312 6.14 -6.43 -0.52
CA CYS A 312 7.28 -5.84 -1.19
C CYS A 312 8.25 -6.93 -1.65
N THR A 313 8.58 -6.89 -2.93
CA THR A 313 9.53 -7.82 -3.50
C THR A 313 10.88 -7.14 -3.59
N VAL A 314 11.91 -7.89 -3.98
CA VAL A 314 13.23 -7.32 -4.22
C VAL A 314 13.19 -6.32 -5.36
N ASP A 315 12.30 -6.55 -6.31
CA ASP A 315 12.09 -5.59 -7.40
C ASP A 315 11.78 -4.19 -6.85
N TRP A 316 11.13 -4.17 -5.70
CA TRP A 316 10.60 -2.95 -5.12
C TRP A 316 11.65 -2.12 -4.35
N LEU A 317 12.59 -2.79 -3.68
CA LEU A 317 13.59 -2.13 -2.83
C LEU A 317 14.10 -0.78 -3.37
N PRO A 318 14.54 -0.72 -4.65
CA PRO A 318 14.96 0.59 -5.16
C PRO A 318 13.84 1.64 -5.16
N LEU A 319 12.63 1.22 -5.51
CA LEU A 319 11.48 2.13 -5.48
C LEU A 319 11.18 2.56 -4.07
N GLY A 320 11.29 1.63 -3.12
CA GLY A 320 11.07 1.95 -1.71
C GLY A 320 11.99 3.08 -1.23
N ARG A 321 13.22 3.11 -1.73
CA ARG A 321 14.15 4.17 -1.38
C ARG A 321 13.74 5.47 -2.09
N GLN A 322 13.35 5.37 -3.36
N GLN A 322 13.37 5.38 -3.37
CA GLN A 322 12.92 6.53 -4.13
CA GLN A 322 12.89 6.53 -4.15
C GLN A 322 11.62 7.14 -3.57
C GLN A 322 11.66 7.15 -3.49
N CYS A 323 10.79 6.30 -2.96
CA CYS A 323 9.57 6.75 -2.32
C CYS A 323 9.83 7.57 -1.06
N VAL A 324 10.73 7.10 -0.20
CA VAL A 324 11.01 7.80 1.05
C VAL A 324 11.64 9.16 0.73
N GLU A 325 12.47 9.19 -0.30
CA GLU A 325 13.02 10.43 -0.82
C GLU A 325 11.90 11.39 -1.25
N HIS A 326 10.99 10.90 -2.09
N HIS A 326 10.97 10.92 -2.09
CA HIS A 326 9.81 11.64 -2.52
CA HIS A 326 9.85 11.75 -2.51
C HIS A 326 8.94 12.10 -1.34
C HIS A 326 8.91 12.11 -1.34
N TYR A 327 8.77 11.23 -0.36
CA TYR A 327 8.01 11.55 0.88
C TYR A 327 8.60 12.76 1.60
N ARG A 328 9.93 12.91 1.53
CA ARG A 328 10.61 13.95 2.29
C ARG A 328 10.41 15.31 1.60
N LEU A 329 10.50 15.32 0.27
CA LEU A 329 10.14 16.50 -0.52
C LEU A 329 8.72 16.98 -0.25
N LEU A 330 7.78 16.04 -0.08
CA LEU A 330 6.39 16.39 0.20
C LEU A 330 6.13 16.61 1.67
N HIS A 331 7.17 16.50 2.50
CA HIS A 331 7.01 16.51 3.95
C HIS A 331 5.93 15.53 4.42
N ARG A 332 5.81 14.38 3.78
CA ARG A 332 4.81 13.39 4.20
C ARG A 332 5.43 12.39 5.19
N TYR A 333 4.65 11.97 6.17
CA TYR A 333 5.12 11.01 7.16
C TYR A 333 5.39 9.62 6.57
N CYS A 334 6.43 8.97 7.07
CA CYS A 334 6.76 7.59 6.69
C CYS A 334 6.01 6.62 7.58
N VAL A 335 5.64 5.46 7.04
CA VAL A 335 5.05 4.40 7.85
C VAL A 335 6.15 3.69 8.64
N PHE A 336 7.31 3.58 8.01
CA PHE A 336 8.50 2.98 8.62
C PHE A 336 9.76 3.55 7.98
N SER A 337 10.91 3.33 8.63
CA SER A 337 12.20 3.74 8.04
C SER A 337 12.71 2.69 7.08
N HIS A 338 12.97 3.10 5.85
CA HIS A 338 13.47 2.21 4.83
C HIS A 338 14.91 1.76 5.15
N ASP A 339 15.76 2.72 5.44
CA ASP A 339 17.11 2.45 5.94
C ASP A 339 17.13 1.45 7.12
N GLU A 340 16.22 1.63 8.06
CA GLU A 340 16.20 0.77 9.24
C GLU A 340 15.86 -0.67 8.85
N MET A 341 15.03 -0.80 7.84
CA MET A 341 14.67 -2.11 7.35
C MET A 341 15.87 -2.74 6.64
N ILE A 342 16.53 -1.94 5.82
CA ILE A 342 17.71 -2.38 5.11
C ILE A 342 18.75 -2.93 6.08
N CYS A 343 18.94 -2.24 7.20
CA CYS A 343 19.98 -2.60 8.16
C CYS A 343 19.59 -3.78 9.02
N LYS A 344 18.30 -3.95 9.30
CA LYS A 344 17.85 -5.14 10.00
C LYS A 344 18.12 -6.34 9.12
N MET A 345 17.93 -6.20 7.82
CA MET A 345 18.14 -7.32 6.91
C MET A 345 19.62 -7.65 6.88
N ALA A 346 20.45 -6.65 6.61
CA ALA A 346 21.91 -6.82 6.62
C ALA A 346 22.38 -7.56 7.89
N SER A 347 21.77 -7.25 9.03
CA SER A 347 22.17 -7.85 10.27
C SER A 347 21.63 -9.27 10.40
N LYS A 348 20.93 -9.73 9.38
CA LYS A 348 20.46 -11.12 9.35
C LYS A 348 20.90 -11.74 8.03
N ALA A 349 22.06 -11.31 7.56
CA ALA A 349 22.49 -11.69 6.22
C ALA A 349 22.63 -13.20 6.07
N ASP A 350 22.98 -13.91 7.16
CA ASP A 350 23.20 -15.37 7.06
C ASP A 350 21.93 -16.16 6.72
N VAL A 351 20.78 -15.71 7.22
CA VAL A 351 19.50 -16.42 7.00
C VAL A 351 18.64 -15.81 5.90
N LEU A 352 19.23 -14.94 5.07
CA LEU A 352 18.49 -14.32 3.98
C LEU A 352 18.56 -15.18 2.73
N ASP A 353 17.48 -15.21 1.99
CA ASP A 353 17.52 -15.70 0.63
C ASP A 353 18.65 -14.96 -0.08
N VAL A 354 19.38 -15.65 -0.95
CA VAL A 354 20.62 -15.11 -1.48
C VAL A 354 20.37 -14.09 -2.61
N VAL A 355 19.19 -14.14 -3.22
CA VAL A 355 18.84 -13.12 -4.20
C VAL A 355 18.45 -11.85 -3.45
N VAL A 356 17.72 -12.03 -2.36
CA VAL A 356 17.39 -10.93 -1.47
C VAL A 356 18.65 -10.24 -0.93
N ALA A 357 19.60 -11.05 -0.45
CA ALA A 357 20.83 -10.52 0.14
C ALA A 357 21.62 -9.72 -0.89
N SER A 358 21.63 -10.21 -2.13
CA SER A 358 22.29 -9.52 -3.22
C SER A 358 21.62 -8.17 -3.49
N THR A 359 20.30 -8.12 -3.40
CA THR A 359 19.54 -6.90 -3.70
C THR A 359 19.66 -5.88 -2.57
N VAL A 360 19.63 -6.37 -1.32
CA VAL A 360 19.86 -5.51 -0.18
C VAL A 360 21.24 -4.85 -0.23
N GLN A 361 22.25 -5.64 -0.63
CA GLN A 361 23.62 -5.13 -0.74
C GLN A 361 23.70 -3.93 -1.67
N LYS A 362 23.13 -4.06 -2.87
CA LYS A 362 23.04 -2.98 -3.83
C LYS A 362 22.42 -1.73 -3.20
N ASP A 363 21.30 -1.90 -2.49
CA ASP A 363 20.63 -0.75 -1.88
C ASP A 363 21.45 -0.19 -0.72
N MET A 364 22.08 -1.06 0.04
CA MET A 364 22.88 -0.62 1.15
C MET A 364 24.08 0.19 0.68
N ALA A 365 24.61 -0.13 -0.50
CA ALA A 365 25.79 0.57 -0.99
C ALA A 365 25.44 2.02 -1.34
N ILE A 366 24.25 2.21 -1.91
CA ILE A 366 23.75 3.54 -2.19
C ILE A 366 23.53 4.31 -0.89
N MET A 367 22.85 3.67 0.05
CA MET A 367 22.58 4.26 1.36
C MET A 367 23.86 4.78 1.99
N ILE A 368 24.88 3.93 1.99
CA ILE A 368 26.14 4.27 2.61
C ILE A 368 26.82 5.42 1.90
N GLU A 369 26.84 5.40 0.57
CA GLU A 369 27.45 6.49 -0.17
C GLU A 369 26.69 7.79 0.05
N ASP A 370 25.36 7.74 0.04
CA ASP A 370 24.60 8.94 0.35
C ASP A 370 24.89 9.45 1.75
N GLU A 371 25.05 8.53 2.70
CA GLU A 371 25.20 8.90 4.10
C GLU A 371 26.57 9.54 4.32
N LYS A 372 27.57 9.01 3.63
CA LYS A 372 28.93 9.55 3.64
C LYS A 372 28.91 11.03 3.22
N ALA A 373 28.25 11.32 2.11
CA ALA A 373 28.23 12.69 1.59
C ALA A 373 27.44 13.61 2.51
N LEU A 374 26.35 13.10 3.09
CA LEU A 374 25.53 13.94 3.97
C LEU A 374 26.31 14.35 5.21
N ARG A 375 27.12 13.41 5.72
CA ARG A 375 27.90 13.66 6.93
C ARG A 375 29.02 14.64 6.64
N GLU A 376 29.66 14.49 5.48
CA GLU A 376 30.71 15.42 5.05
C GLU A 376 30.16 16.83 4.95
N THR A 377 28.95 16.95 4.43
CA THR A 377 28.29 18.23 4.28
C THR A 377 27.97 18.89 5.63
N VAL A 378 27.46 18.13 6.60
CA VAL A 378 27.08 18.74 7.87
C VAL A 378 28.32 19.08 8.68
N ARG A 379 29.39 18.33 8.48
CA ARG A 379 30.70 18.69 9.06
C ARG A 379 31.15 20.08 8.57
N LYS A 380 31.06 20.33 7.26
CA LYS A 380 31.50 21.60 6.72
C LYS A 380 30.60 22.73 7.15
N LEU A 381 29.48 22.40 7.77
CA LEU A 381 28.57 23.42 8.29
C LEU A 381 28.95 23.80 9.71
N GLY A 382 29.88 23.06 10.29
CA GLY A 382 30.38 23.41 11.59
C GLY A 382 29.82 22.53 12.68
N VAL A 383 29.12 21.48 12.29
CA VAL A 383 28.69 20.47 13.24
C VAL A 383 29.86 19.53 13.49
N ILE A 384 30.37 19.57 14.70
CA ILE A 384 31.59 18.84 15.04
C ILE A 384 31.33 17.68 16.01
N ASP A 385 30.57 17.98 17.04
CA ASP A 385 30.21 16.99 18.05
C ASP A 385 29.39 15.83 17.46
N SER A 386 29.58 14.64 18.00
CA SER A 386 28.78 13.52 17.53
C SER A 386 28.64 12.48 18.63
N GLU A 387 27.55 11.71 18.59
CA GLU A 387 27.32 10.63 19.55
C GLU A 387 26.45 9.55 18.85
N ARG A 388 26.77 8.27 19.06
CA ARG A 388 25.95 7.19 18.51
C ARG A 388 24.57 7.25 19.13
N MET A 389 23.56 6.86 18.36
CA MET A 389 22.20 6.76 18.88
C MET A 389 21.42 5.59 18.25
N ASP A 390 20.84 4.73 19.09
CA ASP A 390 20.00 3.64 18.57
C ASP A 390 18.61 4.12 18.17
N PHE A 391 18.52 4.75 17.01
CA PHE A 391 17.25 5.33 16.55
C PHE A 391 16.07 4.36 16.61
N GLU A 392 16.30 3.07 16.38
CA GLU A 392 15.19 2.13 16.25
C GLU A 392 14.48 1.94 17.59
N LEU A 393 15.10 2.35 18.69
CA LEU A 393 14.45 2.30 20.01
C LEU A 393 13.50 3.47 20.22
N LEU A 394 13.69 4.54 19.46
CA LEU A 394 12.81 5.70 19.59
C LEU A 394 11.48 5.45 18.91
N PRO A 395 10.38 5.71 19.64
CA PRO A 395 9.06 5.79 18.99
C PRO A 395 9.15 6.74 17.81
N ASP A 396 8.37 6.48 16.77
CA ASP A 396 8.50 7.23 15.53
C ASP A 396 8.27 8.73 15.71
N ASP A 397 7.29 9.10 16.53
CA ASP A 397 7.01 10.52 16.73
C ASP A 397 8.20 11.24 17.36
N GLU A 398 9.09 10.49 18.00
CA GLU A 398 10.27 11.10 18.60
C GLU A 398 11.50 11.11 17.68
N ARG A 399 11.38 10.62 16.45
CA ARG A 399 12.54 10.68 15.59
C ARG A 399 12.24 11.13 14.16
N GLN A 400 11.24 12.00 14.01
CA GLN A 400 10.94 12.59 12.71
C GLN A 400 11.62 13.93 12.54
N CYS A 401 12.19 14.15 11.35
CA CYS A 401 12.81 15.43 11.03
C CYS A 401 11.79 16.52 11.20
N VAL A 402 12.17 17.61 11.84
CA VAL A 402 11.14 18.49 12.31
C VAL A 402 10.69 19.36 11.12
N LYS A 403 11.49 19.40 10.05
CA LYS A 403 11.03 20.03 8.81
C LYS A 403 10.29 19.07 7.88
N CYS A 404 10.97 18.02 7.40
CA CYS A 404 10.41 17.18 6.35
C CYS A 404 9.64 15.97 6.90
N LYS A 405 9.64 15.81 8.22
CA LYS A 405 8.87 14.79 8.93
C LYS A 405 9.33 13.32 8.67
N THR A 406 10.38 13.14 7.87
CA THR A 406 10.94 11.81 7.62
C THR A 406 11.39 11.12 8.92
N THR A 407 11.25 9.80 8.93
CA THR A 407 11.68 9.03 10.09
C THR A 407 13.20 8.82 10.06
N CYS A 408 13.89 9.33 11.07
CA CYS A 408 15.33 9.26 11.09
C CYS A 408 15.83 7.87 11.48
N PHE A 409 16.91 7.42 10.85
CA PHE A 409 17.53 6.20 11.30
C PHE A 409 19.04 6.24 11.20
N MET A 410 19.57 6.57 10.03
CA MET A 410 21.02 6.63 9.87
C MET A 410 21.62 7.71 10.76
N SER A 411 20.96 8.87 10.78
CA SER A 411 21.49 10.01 11.49
C SER A 411 20.51 11.15 11.58
N ALA A 412 20.78 12.04 12.51
CA ALA A 412 19.95 13.23 12.71
C ALA A 412 20.83 14.28 13.36
N ILE A 413 20.36 15.51 13.41
CA ILE A 413 21.06 16.54 14.15
C ILE A 413 20.21 16.98 15.34
N SER A 414 20.83 17.11 16.51
CA SER A 414 20.13 17.66 17.65
C SER A 414 20.85 18.89 18.16
N CYS A 415 20.19 19.58 19.09
CA CYS A 415 20.80 20.75 19.69
C CYS A 415 20.30 20.93 21.11
N SER A 416 21.23 21.22 22.00
CA SER A 416 20.91 21.50 23.40
C SER A 416 19.89 22.63 23.52
N CYS A 417 19.87 23.52 22.53
CA CYS A 417 18.97 24.67 22.51
C CYS A 417 17.52 24.29 22.21
N LYS A 418 17.31 23.20 21.50
CA LYS A 418 15.96 22.70 21.28
C LYS A 418 15.89 21.22 21.62
N PRO A 419 15.87 20.93 22.93
CA PRO A 419 15.91 19.55 23.45
C PRO A 419 14.78 18.69 22.91
N GLY A 420 15.10 17.46 22.52
CA GLY A 420 14.10 16.56 22.01
C GLY A 420 13.91 16.67 20.51
N LEU A 421 14.30 17.80 19.93
CA LEU A 421 14.08 18.01 18.50
C LEU A 421 15.17 17.39 17.67
N LEU A 422 14.79 16.86 16.51
CA LEU A 422 15.73 16.34 15.55
C LEU A 422 15.41 16.87 14.18
N VAL A 423 16.43 16.96 13.34
CA VAL A 423 16.22 17.16 11.92
C VAL A 423 17.07 16.14 11.22
N CYS A 424 16.69 15.76 10.01
CA CYS A 424 17.56 14.93 9.19
C CYS A 424 18.65 15.85 8.67
N LEU A 425 19.63 15.25 8.01
CA LEU A 425 20.83 15.96 7.63
C LEU A 425 20.62 16.81 6.38
N HIS A 426 19.42 16.79 5.83
CA HIS A 426 19.08 17.72 4.75
C HIS A 426 18.62 19.05 5.32
N HIS A 427 18.27 19.05 6.60
CA HIS A 427 17.64 20.23 7.20
C HIS A 427 18.33 20.69 8.47
N VAL A 428 19.65 20.66 8.44
CA VAL A 428 20.48 21.18 9.51
C VAL A 428 20.14 22.64 9.84
N LYS A 429 19.97 23.46 8.82
CA LYS A 429 19.61 24.88 9.01
C LYS A 429 18.28 25.10 9.74
N GLU A 430 17.49 24.05 9.93
CA GLU A 430 16.11 24.19 10.39
C GLU A 430 15.87 23.78 11.83
N LEU A 431 16.91 23.33 12.50
CA LEU A 431 16.74 22.82 13.85
C LEU A 431 16.43 23.90 14.88
N CYS A 432 17.27 24.95 14.89
CA CYS A 432 17.17 26.06 15.82
C CYS A 432 18.14 27.15 15.34
N SER A 433 18.28 28.21 16.11
CA SER A 433 19.16 29.29 15.63
C SER A 433 20.47 29.42 16.41
N CYS A 434 20.72 28.55 17.37
CA CYS A 434 22.05 28.46 17.98
C CYS A 434 23.06 28.12 16.90
N PRO A 435 24.32 28.55 17.07
CA PRO A 435 25.36 28.23 16.09
C PRO A 435 25.67 26.73 16.05
N PRO A 436 26.03 26.22 14.86
CA PRO A 436 26.29 24.79 14.61
C PRO A 436 27.37 24.14 15.46
N TYR A 437 28.14 24.88 16.25
CA TYR A 437 29.04 24.19 17.18
C TYR A 437 28.23 23.69 18.38
N LYS A 438 27.01 24.17 18.53
CA LYS A 438 26.17 23.67 19.59
C LYS A 438 25.36 22.44 19.14
N TYR A 439 25.49 22.07 17.85
CA TYR A 439 24.72 20.96 17.29
C TYR A 439 25.45 19.66 17.55
N LYS A 440 24.70 18.56 17.54
CA LYS A 440 25.31 17.26 17.69
C LYS A 440 24.80 16.32 16.59
N LEU A 441 25.72 15.63 15.93
CA LEU A 441 25.33 14.59 14.99
C LEU A 441 25.05 13.27 15.73
N ARG A 442 23.79 12.85 15.71
CA ARG A 442 23.41 11.57 16.29
CA ARG A 442 23.41 11.58 16.30
C ARG A 442 23.34 10.56 15.17
N TYR A 443 24.04 9.44 15.33
CA TYR A 443 24.18 8.48 14.23
C TYR A 443 24.03 7.03 14.70
N ARG A 444 23.48 6.19 13.84
CA ARG A 444 23.26 4.80 14.23
C ARG A 444 24.55 4.00 14.14
N TYR A 445 25.32 4.31 13.12
CA TYR A 445 26.48 3.53 12.75
C TYR A 445 27.60 4.44 12.31
N THR A 446 28.84 4.06 12.58
CA THR A 446 29.97 4.72 11.93
C THR A 446 30.04 4.13 10.54
N LEU A 447 30.62 4.86 9.59
CA LEU A 447 30.87 4.28 8.27
C LEU A 447 31.65 2.97 8.39
N ASP A 448 32.54 2.92 9.37
CA ASP A 448 33.32 1.70 9.62
C ASP A 448 32.44 0.52 10.07
N ASP A 449 31.32 0.79 10.75
CA ASP A 449 30.37 -0.29 11.10
C ASP A 449 29.66 -0.79 9.86
N LEU A 450 29.35 0.15 8.98
CA LEU A 450 28.48 -0.14 7.87
C LEU A 450 29.08 -1.09 6.84
N TYR A 451 30.33 -0.85 6.47
CA TYR A 451 30.98 -1.65 5.43
C TYR A 451 31.04 -3.18 5.75
N PRO A 452 31.39 -3.57 6.98
CA PRO A 452 31.26 -4.99 7.34
C PRO A 452 29.86 -5.58 7.19
N MET A 453 28.82 -4.78 7.44
CA MET A 453 27.44 -5.26 7.33
C MET A 453 27.13 -5.61 5.89
N MET A 454 27.58 -4.75 4.99
CA MET A 454 27.45 -5.00 3.59
C MET A 454 28.27 -6.22 3.13
N ASN A 455 29.48 -6.37 3.65
N ASN A 455 29.48 -6.33 3.67
CA ASN A 455 30.31 -7.52 3.29
CA ASN A 455 30.35 -7.46 3.40
C ASN A 455 29.68 -8.83 3.74
C ASN A 455 29.70 -8.79 3.75
N ALA A 456 28.97 -8.81 4.85
CA ALA A 456 28.19 -9.99 5.27
C ALA A 456 27.19 -10.38 4.19
N LEU A 457 26.54 -9.37 3.62
CA LEU A 457 25.57 -9.55 2.54
C LEU A 457 26.22 -10.08 1.27
N LYS A 458 27.41 -9.56 0.97
CA LYS A 458 28.17 -10.00 -0.20
C LYS A 458 28.62 -11.45 -0.04
N LEU A 459 29.06 -11.82 1.16
CA LEU A 459 29.45 -13.20 1.41
C LEU A 459 28.26 -14.14 1.22
N ARG A 460 27.10 -13.77 1.76
CA ARG A 460 25.88 -14.56 1.63
C ARG A 460 25.43 -14.76 0.17
N ALA A 461 25.66 -13.75 -0.66
CA ALA A 461 25.23 -13.78 -2.04
C ALA A 461 26.30 -14.37 -2.96
N GLU A 462 27.55 -14.29 -2.50
CA GLU A 462 28.78 -14.53 -3.29
C GLU A 462 29.03 -13.40 -4.32
ZN ZN B . 14.41 16.53 7.10
MN MN C . -23.42 13.83 -6.35
MN MN D . -4.98 0.02 -2.79
N1 EPE E . -0.06 12.44 -2.43
C2 EPE E . -0.81 12.94 -1.25
C3 EPE E . -1.94 13.88 -1.66
N4 EPE E . -2.64 13.45 -2.85
C5 EPE E . -1.91 12.81 -3.94
C6 EPE E . -0.96 11.77 -3.37
C7 EPE E . -4.08 13.44 -2.92
C8 EPE E . -4.57 12.14 -3.54
O8 EPE E . -5.85 12.37 -4.08
C9 EPE E . 0.94 11.46 -1.99
C10 EPE E . 1.93 11.14 -3.11
S EPE E . 3.14 9.90 -2.55
O1S EPE E . 3.99 9.39 -3.62
O2S EPE E . 2.43 8.80 -1.90
O3S EPE E . 4.02 10.58 -1.59
C1 EDO F . 31.01 10.88 12.72
O1 EDO F . 30.90 11.20 11.31
C2 EDO F . 30.50 9.48 13.00
O2 EDO F . 31.43 8.49 12.50
C1 EDO G . 19.37 8.48 3.42
O1 EDO G . 19.04 7.10 3.24
C2 EDO G . 20.71 8.59 4.13
O2 EDO G . 21.66 7.65 3.54
C1 EDO H . -5.29 3.85 -22.62
O1 EDO H . -6.19 4.13 -21.53
C2 EDO H . -5.80 4.56 -23.88
O2 EDO H . -4.93 4.34 -25.00
C1 EDO I . 12.16 15.16 16.71
O1 EDO I . 11.74 16.23 15.83
C2 EDO I . 10.96 14.37 17.24
O2 EDO I . 10.29 13.67 16.17
C1 EDO J . 7.66 4.31 -10.09
O1 EDO J . 7.23 3.76 -11.35
C2 EDO J . 8.29 5.67 -10.29
O2 EDO J . 7.30 6.59 -10.78
C1 EDO K . 30.39 15.32 13.02
O1 EDO K . 30.17 16.19 11.90
C2 EDO K . 31.84 14.84 13.08
O2 EDO K . 32.68 15.88 13.62
C1 EDO L . -3.41 19.82 -19.25
O1 EDO L . -4.04 19.68 -20.53
C2 EDO L . -3.11 18.47 -18.60
O2 EDO L . -2.67 17.50 -19.57
C1 EDO M . 19.42 -3.01 12.79
O1 EDO M . 18.26 -2.23 12.43
C2 EDO M . 19.14 -3.86 14.03
O2 EDO M . 18.73 -3.00 15.12
OXT FUM N . -11.95 -3.50 -1.84
C FUM N . -11.39 -2.42 -1.81
O FUM N . -11.98 -1.32 -1.46
C4 FUM N . -9.97 -2.35 -2.21
C5 FUM N . -9.13 -1.34 -2.37
C6 FUM N . -7.71 -1.56 -2.73
O7 FUM N . -7.23 -2.70 -2.79
O8 FUM N . -7.00 -0.47 -2.89
MN MN O . 12.93 21.13 1.59
MN MN P . -27.96 -12.53 -5.43
#